data_5U4N
#
_entry.id   5U4N
#
_cell.length_a   82.950
_cell.length_b   91.750
_cell.length_c   85.240
_cell.angle_alpha   90.000
_cell.angle_beta   90.000
_cell.angle_gamma   90.000
#
_symmetry.space_group_name_H-M   'C 2 2 21'
#
loop_
_entity.id
_entity.type
_entity.pdbx_description
1 polymer Fructose-1
2 non-polymer 'PHOSPHATE ION'
3 non-polymer 1,2-ETHANEDIOL
4 water water
#
_entity_poly.entity_id   1
_entity_poly.type   'polypeptide(L)'
_entity_poly.pdbx_seq_one_letter_code
;MAHHHHHHMALVSMRQLLDHAAENSYGLPAFNVNNLEQMRAIMEAADQVNAPVIVQASAGARKYAGAPFLRHLILAAVEE
FPHIPVVMHQDHGASPDVCQRSIQLGFSSVMMDGSLLEDGKTPSSYEYNVNATRTVVNFSHACGVSVEGEIGVLGNLETG
EAGEEDGVGAAGKLSHDQMLTSVEDAVRFVKDTGVDALAIAVGTSHGAYKFTRPPTGDVLRIDRIKEIHQALPNTHIVMH
GSSSVPQEWLKVINEYGGNIGETYGVPVEEIVEGIKHGVRKVNIDTDLRLASTGAVRRYLAENPSDFDPRKYLGKTIEAM
KQICLDRYLAFGCEGQAGKIKPVSLEKMASRYAKGELNQIVK
;
_entity_poly.pdbx_strand_id   A
#
# COMPACT_ATOMS: atom_id res chain seq x y z
N MET A 9 2.66 -17.73 -15.53
CA MET A 9 3.66 -16.73 -15.19
C MET A 9 3.76 -16.56 -13.68
N ALA A 10 4.90 -16.08 -13.20
CA ALA A 10 5.15 -15.97 -11.77
C ALA A 10 4.97 -14.53 -11.30
N LEU A 11 4.98 -14.37 -9.98
CA LEU A 11 4.98 -13.04 -9.41
C LEU A 11 6.36 -12.42 -9.52
N VAL A 12 6.39 -11.10 -9.51
CA VAL A 12 7.64 -10.36 -9.48
C VAL A 12 7.86 -9.85 -8.06
N SER A 13 9.11 -9.56 -7.75
CA SER A 13 9.45 -8.97 -6.45
C SER A 13 9.07 -7.50 -6.42
N MET A 14 8.76 -7.00 -5.22
CA MET A 14 8.48 -5.58 -5.11
C MET A 14 9.73 -4.76 -5.36
N ARG A 15 10.90 -5.26 -4.90
CA ARG A 15 12.15 -4.54 -5.12
C ARG A 15 12.40 -4.28 -6.61
N GLN A 16 12.11 -5.26 -7.48
CA GLN A 16 12.31 -5.01 -8.90
C GLN A 16 11.42 -3.88 -9.40
N LEU A 17 10.14 -3.89 -8.99
CA LEU A 17 9.22 -2.85 -9.43
C LEU A 17 9.63 -1.48 -8.89
N LEU A 18 10.02 -1.40 -7.60
CA LEU A 18 10.40 -0.10 -7.06
C LEU A 18 11.70 0.41 -7.66
N ASP A 19 12.64 -0.48 -7.98
CA ASP A 19 13.86 -0.07 -8.68
C ASP A 19 13.51 0.53 -10.04
N HIS A 20 12.58 -0.10 -10.77
CA HIS A 20 12.19 0.40 -12.08
C HIS A 20 11.47 1.73 -11.95
N ALA A 21 10.61 1.86 -10.93
CA ALA A 21 9.93 3.14 -10.69
C ALA A 21 10.93 4.27 -10.41
N ALA A 22 11.97 4.00 -9.61
CA ALA A 22 12.98 5.03 -9.38
C ALA A 22 13.77 5.34 -10.65
N GLU A 23 14.14 4.32 -11.41
CA GLU A 23 14.87 4.55 -12.66
C GLU A 23 14.08 5.41 -13.63
N ASN A 24 12.75 5.29 -13.63
CA ASN A 24 11.92 5.96 -14.62
C ASN A 24 11.05 7.06 -14.02
N SER A 25 11.33 7.47 -12.78
CA SER A 25 10.72 8.66 -12.16
C SER A 25 9.20 8.55 -12.05
N TYR A 26 8.72 7.40 -11.59
CA TYR A 26 7.30 7.23 -11.30
C TYR A 26 7.13 6.55 -9.94
N GLY A 27 5.88 6.42 -9.52
CA GLY A 27 5.57 5.74 -8.28
C GLY A 27 4.33 4.89 -8.47
N LEU A 28 4.27 3.79 -7.72
CA LEU A 28 3.16 2.83 -7.94
C LEU A 28 2.12 2.94 -6.85
N PRO A 29 0.84 3.00 -7.17
CA PRO A 29 -0.17 2.76 -6.13
C PRO A 29 -0.13 1.29 -5.75
N ALA A 30 -0.36 1.04 -4.47
CA ALA A 30 -0.46 -0.31 -3.91
C ALA A 30 -1.87 -0.44 -3.36
N PHE A 31 -2.70 -1.25 -4.02
CA PHE A 31 -4.11 -1.35 -3.68
C PHE A 31 -4.36 -2.56 -2.81
N ASN A 32 -5.13 -2.37 -1.75
CA ASN A 32 -5.57 -3.48 -0.92
C ASN A 32 -6.66 -4.25 -1.64
N VAL A 33 -6.64 -5.57 -1.49
CA VAL A 33 -7.63 -6.43 -2.13
C VAL A 33 -8.29 -7.29 -1.06
N ASN A 34 -9.58 -7.55 -1.23
CA ASN A 34 -10.31 -8.41 -0.33
C ASN A 34 -11.20 -9.42 -1.03
N ASN A 35 -11.49 -9.24 -2.33
CA ASN A 35 -12.43 -10.12 -3.01
C ASN A 35 -12.27 -9.98 -4.53
N LEU A 36 -13.18 -10.63 -5.27
CA LEU A 36 -13.03 -10.72 -6.72
C LEU A 36 -13.22 -9.36 -7.39
N GLU A 37 -14.24 -8.61 -6.96
CA GLU A 37 -14.54 -7.35 -7.65
C GLU A 37 -13.40 -6.36 -7.51
N GLN A 38 -12.78 -6.35 -6.33
CA GLN A 38 -11.63 -5.47 -6.09
C GLN A 38 -10.45 -5.90 -6.96
N MET A 39 -10.19 -7.21 -7.05
CA MET A 39 -9.07 -7.67 -7.87
C MET A 39 -9.30 -7.37 -9.35
N ARG A 40 -10.54 -7.57 -9.84
CA ARG A 40 -10.81 -7.28 -11.24
C ARG A 40 -10.64 -5.79 -11.52
N ALA A 41 -11.11 -4.93 -10.61
CA ALA A 41 -10.97 -3.49 -10.81
C ALA A 41 -9.50 -3.11 -10.96
N ILE A 42 -8.66 -3.62 -10.05
CA ILE A 42 -7.23 -3.31 -10.08
C ILE A 42 -6.59 -3.78 -11.39
N MET A 43 -6.82 -5.05 -11.74
CA MET A 43 -6.17 -5.63 -12.90
C MET A 43 -6.68 -5.01 -14.19
N GLU A 44 -7.99 -4.73 -14.27
CA GLU A 44 -8.49 -4.13 -15.50
C GLU A 44 -7.93 -2.74 -15.70
N ALA A 45 -7.78 -1.97 -14.62
CA ALA A 45 -7.18 -0.65 -14.71
C ALA A 45 -5.72 -0.75 -15.15
N ALA A 46 -4.95 -1.63 -14.51
CA ALA A 46 -3.55 -1.77 -14.87
C ALA A 46 -3.39 -2.24 -16.31
N ASP A 47 -4.23 -3.18 -16.73
CA ASP A 47 -4.17 -3.63 -18.11
C ASP A 47 -4.48 -2.50 -19.07
N GLN A 48 -5.46 -1.67 -18.74
CA GLN A 48 -5.86 -0.59 -19.64
C GLN A 48 -4.73 0.40 -19.86
N VAL A 49 -3.99 0.75 -18.81
CA VAL A 49 -2.90 1.72 -18.97
C VAL A 49 -1.53 1.05 -19.04
N ASN A 50 -1.49 -0.28 -19.12
CA ASN A 50 -0.23 -1.03 -19.24
C ASN A 50 0.74 -0.65 -18.13
N ALA A 51 0.26 -0.74 -16.89
CA ALA A 51 0.99 -0.43 -15.67
C ALA A 51 1.30 -1.69 -14.88
N PRO A 52 2.42 -1.71 -14.16
CA PRO A 52 2.69 -2.81 -13.22
C PRO A 52 1.76 -2.73 -12.02
N VAL A 53 1.64 -3.84 -11.29
CA VAL A 53 0.68 -3.96 -10.20
C VAL A 53 1.35 -4.32 -8.90
N ILE A 54 1.06 -3.56 -7.85
CA ILE A 54 1.26 -4.02 -6.49
C ILE A 54 -0.11 -4.18 -5.86
N VAL A 55 -0.44 -5.41 -5.47
CA VAL A 55 -1.65 -5.69 -4.72
CA VAL A 55 -1.66 -5.66 -4.71
C VAL A 55 -1.23 -6.13 -3.33
N GLN A 56 -1.95 -5.68 -2.30
CA GLN A 56 -1.55 -6.01 -0.94
C GLN A 56 -2.75 -6.52 -0.15
N ALA A 57 -2.45 -7.30 0.88
CA ALA A 57 -3.48 -7.91 1.72
C ALA A 57 -3.09 -7.75 3.17
N SER A 58 -4.08 -7.44 4.00
CA SER A 58 -3.88 -7.34 5.44
C SER A 58 -4.21 -8.66 6.12
N ALA A 59 -3.93 -8.74 7.42
CA ALA A 59 -4.41 -9.87 8.20
C ALA A 59 -5.93 -9.90 8.22
N GLY A 60 -6.57 -8.73 8.27
CA GLY A 60 -8.01 -8.68 8.17
C GLY A 60 -8.53 -9.22 6.86
N ALA A 61 -7.79 -9.00 5.76
CA ALA A 61 -8.18 -9.57 4.48
C ALA A 61 -8.09 -11.09 4.50
N ARG A 62 -7.05 -11.64 5.13
CA ARG A 62 -6.96 -13.10 5.24
C ARG A 62 -8.11 -13.68 6.03
N LYS A 63 -8.49 -13.04 7.14
CA LYS A 63 -9.62 -13.50 7.93
C LYS A 63 -10.92 -13.43 7.13
N TYR A 64 -11.08 -12.39 6.32
CA TYR A 64 -12.32 -12.23 5.56
C TYR A 64 -12.38 -13.20 4.40
N ALA A 65 -11.33 -13.24 3.58
CA ALA A 65 -11.38 -13.98 2.32
C ALA A 65 -10.93 -15.41 2.46
N GLY A 66 -10.06 -15.72 3.42
CA GLY A 66 -9.38 -16.99 3.49
C GLY A 66 -8.06 -16.95 2.74
N ALA A 67 -6.99 -17.45 3.35
CA ALA A 67 -5.68 -17.41 2.67
C ALA A 67 -5.68 -18.12 1.32
N PRO A 68 -6.29 -19.30 1.14
CA PRO A 68 -6.32 -19.89 -0.20
C PRO A 68 -7.04 -19.03 -1.22
N PHE A 69 -8.07 -18.29 -0.81
CA PHE A 69 -8.80 -17.48 -1.77
C PHE A 69 -7.97 -16.28 -2.21
N LEU A 70 -7.28 -15.62 -1.29
CA LEU A 70 -6.40 -14.52 -1.68
C LEU A 70 -5.33 -15.01 -2.63
N ARG A 71 -4.68 -16.12 -2.30
CA ARG A 71 -3.63 -16.66 -3.16
C ARG A 71 -4.15 -16.92 -4.56
N HIS A 72 -5.34 -17.54 -4.65
CA HIS A 72 -5.88 -17.91 -5.95
C HIS A 72 -6.48 -16.73 -6.72
N LEU A 73 -6.91 -15.67 -6.03
CA LEU A 73 -7.28 -14.45 -6.75
C LEU A 73 -6.08 -13.87 -7.48
N ILE A 74 -4.90 -13.92 -6.87
CA ILE A 74 -3.71 -13.39 -7.54
C ILE A 74 -3.28 -14.33 -8.66
N LEU A 75 -3.38 -15.65 -8.46
CA LEU A 75 -3.05 -16.58 -9.52
C LEU A 75 -3.98 -16.39 -10.73
N ALA A 76 -5.27 -16.14 -10.49
CA ALA A 76 -6.19 -15.88 -11.60
C ALA A 76 -5.81 -14.58 -12.32
N ALA A 77 -5.40 -13.57 -11.56
CA ALA A 77 -5.05 -12.28 -12.15
C ALA A 77 -3.86 -12.42 -13.11
N VAL A 78 -2.83 -13.16 -12.70
CA VAL A 78 -1.65 -13.37 -13.54
CA VAL A 78 -1.68 -13.29 -13.58
C VAL A 78 -2.00 -14.19 -14.77
N GLU A 79 -2.96 -15.12 -14.63
CA GLU A 79 -3.36 -15.95 -15.77
CA GLU A 79 -3.34 -15.94 -15.78
C GLU A 79 -4.14 -15.14 -16.80
N GLU A 80 -5.04 -14.28 -16.34
CA GLU A 80 -5.86 -13.52 -17.27
C GLU A 80 -5.09 -12.35 -17.89
N PHE A 81 -4.12 -11.79 -17.18
CA PHE A 81 -3.35 -10.64 -17.63
C PHE A 81 -1.86 -10.99 -17.65
N PRO A 82 -1.44 -11.88 -18.56
CA PRO A 82 -0.08 -12.42 -18.46
C PRO A 82 1.02 -11.38 -18.73
N HIS A 83 0.70 -10.27 -19.37
CA HIS A 83 1.70 -9.25 -19.68
C HIS A 83 1.82 -8.19 -18.61
N ILE A 84 1.11 -8.32 -17.50
CA ILE A 84 1.11 -7.33 -16.42
C ILE A 84 1.87 -7.92 -15.24
N PRO A 85 3.04 -7.39 -14.88
CA PRO A 85 3.76 -7.93 -13.72
C PRO A 85 3.03 -7.60 -12.43
N VAL A 86 2.94 -8.58 -11.54
CA VAL A 86 2.16 -8.47 -10.32
C VAL A 86 3.03 -8.79 -9.11
N VAL A 87 3.04 -7.89 -8.12
CA VAL A 87 3.54 -8.14 -6.77
C VAL A 87 2.37 -8.45 -5.85
N MET A 88 2.50 -9.48 -5.02
CA MET A 88 1.56 -9.73 -3.93
CA MET A 88 1.56 -9.75 -3.94
C MET A 88 2.28 -9.46 -2.63
N HIS A 89 1.82 -8.43 -1.91
CA HIS A 89 2.52 -7.85 -0.76
C HIS A 89 1.67 -8.02 0.50
N GLN A 90 2.31 -8.47 1.58
CA GLN A 90 1.63 -8.61 2.87
CA GLN A 90 1.63 -8.61 2.87
C GLN A 90 1.76 -7.30 3.64
N ASP A 91 0.63 -6.61 3.84
CA ASP A 91 0.67 -5.35 4.56
C ASP A 91 0.63 -5.60 6.06
N HIS A 92 1.27 -4.70 6.82
CA HIS A 92 1.25 -4.66 8.29
C HIS A 92 1.49 -6.03 8.96
N GLY A 93 2.54 -6.70 8.54
CA GLY A 93 2.93 -7.93 9.23
C GLY A 93 3.29 -7.69 10.69
N ALA A 94 2.65 -8.42 11.60
CA ALA A 94 2.78 -8.14 13.03
C ALA A 94 3.99 -8.77 13.69
N SER A 95 4.62 -9.75 13.04
CA SER A 95 5.73 -10.47 13.65
C SER A 95 6.52 -11.15 12.55
N PRO A 96 7.77 -11.52 12.82
CA PRO A 96 8.50 -12.35 11.85
C PRO A 96 7.77 -13.62 11.47
N ASP A 97 7.13 -14.29 12.44
CA ASP A 97 6.40 -15.52 12.14
C ASP A 97 5.29 -15.28 11.11
N VAL A 98 4.57 -14.17 11.24
CA VAL A 98 3.54 -13.82 10.26
C VAL A 98 4.16 -13.67 8.88
N CYS A 99 5.27 -12.95 8.80
CA CYS A 99 5.91 -12.72 7.50
C CYS A 99 6.42 -14.03 6.89
N GLN A 100 6.94 -14.94 7.74
CA GLN A 100 7.37 -16.23 7.25
C GLN A 100 6.19 -17.02 6.69
N ARG A 101 5.05 -16.98 7.38
CA ARG A 101 3.86 -17.67 6.87
C ARG A 101 3.42 -17.08 5.53
N SER A 102 3.52 -15.77 5.38
CA SER A 102 3.14 -15.15 4.12
C SER A 102 4.02 -15.61 2.97
N ILE A 103 5.33 -15.76 3.22
CA ILE A 103 6.21 -16.32 2.20
C ILE A 103 5.77 -17.72 1.81
N GLN A 104 5.39 -18.53 2.81
CA GLN A 104 4.94 -19.89 2.54
CA GLN A 104 4.91 -19.89 2.56
C GLN A 104 3.66 -19.89 1.71
N LEU A 105 2.80 -18.88 1.87
CA LEU A 105 1.57 -18.75 1.10
C LEU A 105 1.80 -18.13 -0.28
N GLY A 106 3.02 -17.77 -0.63
CA GLY A 106 3.32 -17.33 -1.97
C GLY A 106 3.41 -15.84 -2.18
N PHE A 107 3.37 -15.03 -1.12
CA PHE A 107 3.63 -13.59 -1.26
C PHE A 107 5.04 -13.35 -1.79
N SER A 108 5.18 -12.35 -2.65
CA SER A 108 6.50 -11.97 -3.17
C SER A 108 7.11 -10.79 -2.43
N SER A 109 6.39 -10.22 -1.47
CA SER A 109 6.84 -9.07 -0.70
C SER A 109 6.10 -9.09 0.62
N VAL A 110 6.77 -8.64 1.69
CA VAL A 110 6.15 -8.55 3.00
C VAL A 110 6.53 -7.24 3.66
N MET A 111 5.60 -6.68 4.45
CA MET A 111 5.92 -5.61 5.37
C MET A 111 6.02 -6.19 6.78
N MET A 112 7.19 -6.06 7.38
CA MET A 112 7.34 -6.27 8.83
C MET A 112 7.11 -4.92 9.48
N ASP A 113 5.92 -4.71 10.04
CA ASP A 113 5.64 -3.42 10.67
C ASP A 113 6.15 -3.48 12.11
N GLY A 114 7.44 -3.25 12.24
CA GLY A 114 8.05 -3.23 13.55
C GLY A 114 7.86 -1.96 14.34
N SER A 115 7.15 -0.97 13.80
CA SER A 115 6.87 0.28 14.53
C SER A 115 5.82 0.08 15.61
N LEU A 116 5.10 -1.03 15.56
CA LEU A 116 4.12 -1.43 16.57
C LEU A 116 4.48 -2.82 17.04
N LEU A 117 4.06 -3.16 18.27
CA LEU A 117 4.27 -4.50 18.78
C LEU A 117 3.34 -5.49 18.07
N GLU A 118 3.39 -6.75 18.48
CA GLU A 118 2.60 -7.76 17.78
C GLU A 118 1.09 -7.54 17.93
N ASP A 119 0.67 -6.74 18.91
CA ASP A 119 -0.75 -6.41 19.01
C ASP A 119 -1.19 -5.43 17.93
N GLY A 120 -0.27 -4.88 17.15
CA GLY A 120 -0.64 -3.92 16.13
C GLY A 120 -1.18 -2.63 16.68
N LYS A 121 -0.89 -2.32 17.96
CA LYS A 121 -1.41 -1.11 18.58
C LYS A 121 -0.41 -0.39 19.49
N THR A 122 0.57 -1.09 20.06
CA THR A 122 1.48 -0.46 21.01
C THR A 122 2.75 -0.04 20.29
N PRO A 123 3.12 1.24 20.33
CA PRO A 123 4.36 1.65 19.66
C PRO A 123 5.57 0.96 20.28
N SER A 124 6.50 0.55 19.40
CA SER A 124 7.66 -0.24 19.76
C SER A 124 8.89 0.64 19.99
N SER A 125 9.90 0.07 20.64
CA SER A 125 11.19 0.71 20.71
C SER A 125 11.95 0.56 19.40
N TYR A 126 12.92 1.46 19.20
CA TYR A 126 13.79 1.35 18.04
C TYR A 126 14.43 -0.02 17.95
N GLU A 127 14.92 -0.54 19.08
CA GLU A 127 15.64 -1.81 19.04
C GLU A 127 14.71 -2.98 18.72
N TYR A 128 13.51 -3.00 19.28
CA TYR A 128 12.54 -4.03 18.91
C TYR A 128 12.29 -4.00 17.42
N ASN A 129 12.08 -2.79 16.89
CA ASN A 129 11.74 -2.60 15.49
C ASN A 129 12.84 -3.12 14.58
N VAL A 130 14.08 -2.71 14.85
CA VAL A 130 15.22 -3.17 14.06
C VAL A 130 15.40 -4.67 14.17
N ASN A 131 15.20 -5.23 15.37
CA ASN A 131 15.44 -6.66 15.52
C ASN A 131 14.44 -7.47 14.71
N ALA A 132 13.16 -7.11 14.81
CA ALA A 132 12.14 -7.83 14.04
C ALA A 132 12.35 -7.64 12.55
N THR A 133 12.64 -6.41 12.15
CA THR A 133 12.74 -6.11 10.72
C THR A 133 13.97 -6.78 10.11
N ARG A 134 15.13 -6.67 10.78
CA ARG A 134 16.34 -7.33 10.29
C ARG A 134 16.13 -8.83 10.17
N THR A 135 15.41 -9.44 11.11
CA THR A 135 15.13 -10.88 11.03
C THR A 135 14.36 -11.22 9.77
N VAL A 136 13.33 -10.44 9.47
CA VAL A 136 12.51 -10.69 8.28
C VAL A 136 13.32 -10.42 7.01
N VAL A 137 14.13 -9.36 6.99
CA VAL A 137 14.98 -9.10 5.82
C VAL A 137 15.87 -10.30 5.53
N ASN A 138 16.49 -10.87 6.56
CA ASN A 138 17.44 -11.95 6.29
C ASN A 138 16.75 -13.18 5.71
N PHE A 139 15.63 -13.62 6.31
CA PHE A 139 15.04 -14.82 5.74
C PHE A 139 14.24 -14.55 4.48
N SER A 140 13.80 -13.30 4.26
CA SER A 140 13.08 -13.00 3.03
C SER A 140 14.04 -12.91 1.85
N HIS A 141 15.16 -12.21 2.03
CA HIS A 141 16.09 -12.06 0.92
C HIS A 141 16.69 -13.40 0.49
N ALA A 142 16.79 -14.35 1.42
CA ALA A 142 17.29 -15.69 1.08
C ALA A 142 16.38 -16.39 0.08
N CYS A 143 15.12 -15.99 -0.01
CA CYS A 143 14.11 -16.49 -0.94
CA CYS A 143 14.31 -16.57 -1.07
C CYS A 143 13.82 -15.51 -2.06
N GLY A 144 14.47 -14.35 -2.08
CA GLY A 144 14.19 -13.34 -3.08
C GLY A 144 13.02 -12.44 -2.76
N VAL A 145 12.37 -12.63 -1.62
CA VAL A 145 11.18 -11.88 -1.24
C VAL A 145 11.57 -10.50 -0.73
N SER A 146 10.83 -9.47 -1.14
CA SER A 146 11.10 -8.09 -0.74
C SER A 146 10.54 -7.80 0.65
N VAL A 147 11.13 -6.80 1.33
CA VAL A 147 10.72 -6.43 2.69
C VAL A 147 10.56 -4.91 2.80
N GLU A 148 9.40 -4.49 3.28
CA GLU A 148 9.13 -3.12 3.68
C GLU A 148 9.18 -3.07 5.21
N GLY A 149 9.84 -2.05 5.75
CA GLY A 149 9.82 -1.79 7.17
C GLY A 149 9.32 -0.37 7.43
N GLU A 150 9.01 -0.07 8.69
CA GLU A 150 8.50 1.26 9.04
C GLU A 150 9.24 1.83 10.23
N ILE A 151 9.63 3.09 10.14
CA ILE A 151 10.19 3.82 11.27
C ILE A 151 9.39 5.12 11.43
N GLY A 152 8.86 5.32 12.61
CA GLY A 152 7.85 6.34 12.86
C GLY A 152 6.48 5.71 12.95
N VAL A 153 5.60 6.34 13.74
CA VAL A 153 4.28 5.81 14.04
C VAL A 153 3.25 6.63 13.25
N LEU A 154 2.46 5.95 12.41
CA LEU A 154 1.44 6.67 11.65
C LEU A 154 0.42 7.34 12.56
N GLY A 155 0.04 8.56 12.21
CA GLY A 155 -0.97 9.27 12.97
C GLY A 155 -1.05 10.73 12.59
N ASN A 156 -2.13 11.35 13.05
CA ASN A 156 -2.43 12.75 12.76
C ASN A 156 -1.64 13.66 13.69
N LEU A 157 -0.86 14.58 13.11
CA LEU A 157 0.06 15.40 13.91
C LEU A 157 -0.65 16.40 14.80
N GLU A 158 -1.90 16.76 14.51
CA GLU A 158 -2.63 17.67 15.38
C GLU A 158 -3.40 16.96 16.49
N THR A 159 -3.93 15.77 16.22
CA THR A 159 -4.79 15.10 17.19
C THR A 159 -4.09 13.98 17.95
N GLY A 160 -2.98 13.47 17.44
CA GLY A 160 -2.34 12.32 18.06
C GLY A 160 -3.04 10.99 17.84
N GLU A 161 -4.00 10.95 16.92
CA GLU A 161 -4.77 9.73 16.65
C GLU A 161 -4.32 9.10 15.34
N ALA A 162 -4.25 7.77 15.32
CA ALA A 162 -3.74 7.04 14.17
C ALA A 162 -4.82 6.47 13.26
N GLY A 163 -6.03 6.26 13.76
CA GLY A 163 -7.01 5.50 13.00
C GLY A 163 -6.64 4.03 12.97
N GLU A 164 -7.50 3.24 12.32
CA GLU A 164 -7.35 1.78 12.29
C GLU A 164 -7.41 1.30 10.85
N GLU A 165 -6.37 0.59 10.42
CA GLU A 165 -6.35 -0.11 9.13
C GLU A 165 -6.46 -1.61 9.43
N ASP A 166 -7.69 -2.12 9.36
CA ASP A 166 -7.98 -3.52 9.62
C ASP A 166 -7.46 -3.95 10.99
N GLY A 167 -7.71 -3.11 11.99
CA GLY A 167 -7.29 -3.38 13.34
C GLY A 167 -5.88 -2.94 13.69
N VAL A 168 -5.15 -2.38 12.73
CA VAL A 168 -3.77 -1.94 12.95
C VAL A 168 -3.76 -0.43 13.08
N GLY A 169 -3.05 0.07 14.08
CA GLY A 169 -2.94 1.50 14.32
C GLY A 169 -2.68 1.76 15.79
N ALA A 170 -1.86 2.77 16.10
CA ALA A 170 -1.48 3.02 17.49
C ALA A 170 -2.71 3.32 18.34
N ALA A 171 -2.75 2.72 19.53
CA ALA A 171 -3.76 3.03 20.53
C ALA A 171 -3.22 4.11 21.46
N GLY A 172 -4.10 5.03 21.85
CA GLY A 172 -3.72 6.14 22.70
C GLY A 172 -3.14 7.30 21.92
N LYS A 173 -3.15 8.47 22.57
CA LYS A 173 -2.62 9.68 21.95
C LYS A 173 -1.12 9.59 21.80
N LEU A 174 -0.63 9.90 20.60
CA LEU A 174 0.79 9.84 20.27
C LEU A 174 1.41 11.22 20.41
N SER A 175 2.72 11.22 20.63
CA SER A 175 3.47 12.46 20.70
C SER A 175 3.90 12.88 19.30
N HIS A 176 4.21 14.17 19.17
CA HIS A 176 4.67 14.70 17.88
C HIS A 176 5.88 13.93 17.38
N ASP A 177 6.85 13.65 18.27
CA ASP A 177 8.07 12.97 17.87
C ASP A 177 7.80 11.54 17.42
N GLN A 178 6.77 10.88 17.98
CA GLN A 178 6.46 9.53 17.53
C GLN A 178 5.93 9.52 16.11
N MET A 179 5.11 10.52 15.77
CA MET A 179 4.37 10.52 14.51
C MET A 179 5.11 11.18 13.36
N LEU A 180 6.30 11.73 13.58
CA LEU A 180 7.06 12.37 12.51
C LEU A 180 8.46 11.76 12.49
N THR A 181 8.73 10.97 11.47
CA THR A 181 10.03 10.31 11.34
C THR A 181 11.13 11.36 11.26
N SER A 182 12.14 11.26 12.14
CA SER A 182 13.29 12.13 11.99
C SER A 182 14.21 11.62 10.88
N VAL A 183 14.96 12.54 10.27
CA VAL A 183 15.83 12.13 9.17
C VAL A 183 16.86 11.11 9.65
N GLU A 184 17.50 11.38 10.79
CA GLU A 184 18.57 10.48 11.22
C GLU A 184 18.03 9.11 11.65
N ASP A 185 16.80 9.05 12.20
CA ASP A 185 16.23 7.73 12.49
C ASP A 185 16.00 6.93 11.21
N ALA A 186 15.55 7.60 10.13
CA ALA A 186 15.40 6.89 8.85
C ALA A 186 16.75 6.37 8.36
N VAL A 187 17.80 7.21 8.46
CA VAL A 187 19.14 6.79 8.05
C VAL A 187 19.63 5.58 8.86
N ARG A 188 19.55 5.68 10.19
CA ARG A 188 19.98 4.56 11.04
CA ARG A 188 19.97 4.57 11.04
C ARG A 188 19.17 3.31 10.75
N PHE A 189 17.86 3.47 10.53
CA PHE A 189 17.00 2.31 10.35
C PHE A 189 17.34 1.57 9.05
N VAL A 190 17.57 2.31 7.98
CA VAL A 190 17.94 1.66 6.73
C VAL A 190 19.29 0.98 6.87
N LYS A 191 20.26 1.65 7.51
CA LYS A 191 21.57 1.04 7.71
C LYS A 191 21.47 -0.26 8.53
N ASP A 192 20.58 -0.26 9.53
CA ASP A 192 20.49 -1.37 10.46
C ASP A 192 19.64 -2.53 9.94
N THR A 193 18.82 -2.31 8.92
CA THR A 193 17.88 -3.35 8.49
C THR A 193 18.06 -3.82 7.07
N GLY A 194 18.48 -2.95 6.15
CA GLY A 194 18.59 -3.34 4.76
C GLY A 194 17.28 -3.53 4.04
N VAL A 195 16.21 -2.89 4.51
CA VAL A 195 14.90 -3.05 3.85
C VAL A 195 14.95 -2.61 2.39
N ASP A 196 14.03 -3.17 1.60
CA ASP A 196 13.84 -2.77 0.21
C ASP A 196 12.99 -1.52 0.06
N ALA A 197 12.15 -1.21 1.04
CA ALA A 197 11.21 -0.10 1.00
C ALA A 197 11.03 0.40 2.42
N LEU A 198 10.98 1.73 2.58
CA LEU A 198 10.92 2.35 3.89
C LEU A 198 9.62 3.14 4.04
N ALA A 199 8.75 2.67 4.93
CA ALA A 199 7.58 3.43 5.32
C ALA A 199 7.97 4.45 6.38
N ILE A 200 7.52 5.69 6.21
CA ILE A 200 7.81 6.76 7.14
C ILE A 200 6.50 7.41 7.57
N ALA A 201 6.58 8.20 8.63
CA ALA A 201 5.41 8.85 9.24
C ALA A 201 5.53 10.35 9.03
N VAL A 202 4.59 10.94 8.28
CA VAL A 202 4.69 12.36 7.96
C VAL A 202 3.33 13.03 8.11
N GLY A 203 2.44 12.45 8.91
CA GLY A 203 1.14 13.04 9.16
C GLY A 203 -0.04 12.34 8.52
N THR A 204 0.16 11.28 7.74
CA THR A 204 -0.97 10.51 7.23
C THR A 204 -1.42 9.50 8.29
N SER A 205 -2.62 8.98 8.08
CA SER A 205 -3.21 8.01 9.01
C SER A 205 -4.20 7.16 8.22
N HIS A 206 -4.65 6.08 8.83
CA HIS A 206 -5.54 5.17 8.14
C HIS A 206 -6.96 5.73 8.07
N GLY A 207 -7.68 5.36 7.01
CA GLY A 207 -9.10 5.63 6.99
C GLY A 207 -9.48 6.93 6.30
N ALA A 208 -10.78 7.23 6.37
CA ALA A 208 -11.30 8.43 5.72
C ALA A 208 -11.07 9.70 6.53
N TYR A 209 -10.86 9.59 7.83
CA TYR A 209 -10.86 10.77 8.69
C TYR A 209 -9.44 11.25 8.97
N LYS A 210 -8.73 11.55 7.87
CA LYS A 210 -7.33 11.91 7.99
C LYS A 210 -7.15 13.36 8.43
N PHE A 211 -7.95 14.28 7.87
CA PHE A 211 -7.82 15.71 8.13
C PHE A 211 -9.21 16.31 8.21
N THR A 212 -9.44 17.20 9.19
CA THR A 212 -10.73 17.87 9.26
C THR A 212 -10.83 19.06 8.30
N ARG A 213 -9.70 19.56 7.83
CA ARG A 213 -9.61 20.63 6.84
C ARG A 213 -8.65 20.17 5.76
N PRO A 214 -8.68 20.79 4.59
CA PRO A 214 -7.65 20.47 3.58
C PRO A 214 -6.26 20.55 4.19
N PRO A 215 -5.43 19.52 4.03
CA PRO A 215 -4.17 19.48 4.77
C PRO A 215 -3.20 20.59 4.34
N THR A 216 -2.55 21.19 5.34
CA THR A 216 -1.51 22.18 5.12
C THR A 216 -0.15 21.52 5.22
N GLY A 217 0.88 22.27 4.83
CA GLY A 217 2.24 21.77 4.94
C GLY A 217 2.68 21.50 6.37
N ASP A 218 1.97 22.05 7.36
CA ASP A 218 2.30 21.81 8.76
C ASP A 218 1.81 20.47 9.26
N VAL A 219 0.68 20.00 8.73
CA VAL A 219 0.12 18.73 9.20
C VAL A 219 0.43 17.58 8.24
N LEU A 220 0.78 17.87 6.99
CA LEU A 220 1.18 16.83 6.02
C LEU A 220 2.58 17.21 5.58
N ARG A 221 3.58 16.57 6.18
CA ARG A 221 4.97 17.04 6.12
C ARG A 221 5.68 16.46 4.91
N ILE A 222 5.26 16.92 3.73
CA ILE A 222 5.95 16.55 2.51
C ILE A 222 7.39 17.06 2.54
N ASP A 223 7.63 18.18 3.24
CA ASP A 223 9.00 18.67 3.36
C ASP A 223 9.91 17.66 4.04
N ARG A 224 9.37 16.86 4.96
CA ARG A 224 10.20 15.85 5.61
C ARG A 224 10.51 14.69 4.66
N ILE A 225 9.61 14.38 3.72
CA ILE A 225 9.95 13.41 2.69
C ILE A 225 11.14 13.90 1.88
N LYS A 226 11.14 15.19 1.51
CA LYS A 226 12.26 15.75 0.77
C LYS A 226 13.56 15.63 1.56
N GLU A 227 13.50 15.90 2.87
CA GLU A 227 14.71 15.82 3.69
C GLU A 227 15.23 14.39 3.77
N ILE A 228 14.33 13.43 3.93
CA ILE A 228 14.76 12.04 4.02
C ILE A 228 15.35 11.58 2.69
N HIS A 229 14.75 11.99 1.57
CA HIS A 229 15.28 11.63 0.27
C HIS A 229 16.65 12.24 0.02
N GLN A 230 16.90 13.44 0.57
CA GLN A 230 18.21 14.04 0.44
C GLN A 230 19.26 13.23 1.19
N ALA A 231 18.89 12.67 2.35
CA ALA A 231 19.82 11.85 3.14
C ALA A 231 19.98 10.45 2.59
N LEU A 232 18.95 9.93 1.93
CA LEU A 232 18.89 8.54 1.46
C LEU A 232 18.45 8.53 0.01
N PRO A 233 19.33 8.97 -0.90
CA PRO A 233 18.91 9.14 -2.31
C PRO A 233 18.51 7.86 -2.99
N ASN A 234 18.88 6.70 -2.46
CA ASN A 234 18.63 5.43 -3.13
C ASN A 234 17.57 4.59 -2.42
N THR A 235 16.93 5.13 -1.39
CA THR A 235 15.92 4.39 -0.63
C THR A 235 14.54 4.66 -1.19
N HIS A 236 13.81 3.60 -1.50
CA HIS A 236 12.44 3.72 -1.98
C HIS A 236 11.50 3.96 -0.80
N ILE A 237 10.76 5.07 -0.83
CA ILE A 237 9.91 5.48 0.29
C ILE A 237 8.49 5.03 0.03
N VAL A 238 7.79 4.63 1.10
CA VAL A 238 6.41 4.16 1.06
C VAL A 238 5.54 5.16 1.81
N MET A 239 4.48 5.62 1.16
CA MET A 239 3.46 6.46 1.81
C MET A 239 2.26 5.60 2.20
N HIS A 240 2.13 5.33 3.49
CA HIS A 240 0.94 4.69 4.04
C HIS A 240 -0.17 5.72 4.18
N GLY A 241 -1.41 5.22 4.28
CA GLY A 241 -2.52 6.09 4.64
C GLY A 241 -2.75 7.20 3.64
N SER A 242 -2.60 6.90 2.34
CA SER A 242 -2.53 7.96 1.35
CA SER A 242 -2.48 7.89 1.30
C SER A 242 -3.67 7.90 0.35
N SER A 243 -4.83 7.39 0.77
CA SER A 243 -6.04 7.65 0.03
C SER A 243 -6.29 9.16 -0.03
N SER A 244 -6.93 9.59 -1.12
CA SER A 244 -7.22 11.01 -1.30
C SER A 244 -8.59 11.40 -0.79
N VAL A 245 -9.48 10.43 -0.58
CA VAL A 245 -10.85 10.63 -0.11
C VAL A 245 -11.59 11.49 -1.12
N PRO A 246 -12.13 10.89 -2.18
CA PRO A 246 -12.75 11.67 -3.26
C PRO A 246 -14.05 12.31 -2.80
N GLN A 247 -14.08 13.65 -2.83
CA GLN A 247 -15.25 14.38 -2.36
C GLN A 247 -16.49 14.05 -3.17
N GLU A 248 -16.32 13.72 -4.46
CA GLU A 248 -17.47 13.38 -5.28
C GLU A 248 -18.13 12.08 -4.83
N TRP A 249 -17.35 11.12 -4.33
CA TRP A 249 -17.95 9.90 -3.80
C TRP A 249 -18.54 10.12 -2.41
N LEU A 250 -17.94 11.00 -1.60
CA LEU A 250 -18.60 11.37 -0.34
C LEU A 250 -19.97 11.94 -0.61
N LYS A 251 -20.09 12.78 -1.65
CA LYS A 251 -21.37 13.38 -2.01
C LYS A 251 -22.40 12.31 -2.36
N VAL A 252 -21.99 11.33 -3.18
CA VAL A 252 -22.90 10.27 -3.59
C VAL A 252 -23.35 9.46 -2.38
N ILE A 253 -22.41 9.09 -1.50
CA ILE A 253 -22.76 8.32 -0.31
C ILE A 253 -23.79 9.08 0.53
N ASN A 254 -23.57 10.38 0.71
CA ASN A 254 -24.49 11.19 1.51
C ASN A 254 -25.84 11.38 0.82
N GLU A 255 -25.88 11.34 -0.51
CA GLU A 255 -27.13 11.50 -1.26
C GLU A 255 -27.99 10.24 -1.23
N TYR A 256 -27.40 9.07 -1.02
CA TYR A 256 -28.12 7.82 -1.14
C TYR A 256 -28.07 7.01 0.15
N GLY A 257 -28.46 7.64 1.26
CA GLY A 257 -28.71 6.93 2.50
C GLY A 257 -27.54 6.84 3.46
N GLY A 258 -26.35 7.28 3.06
CA GLY A 258 -25.21 7.26 3.95
C GLY A 258 -25.03 8.56 4.70
N ASN A 259 -24.03 8.58 5.58
CA ASN A 259 -23.72 9.78 6.36
C ASN A 259 -22.23 9.77 6.69
N ILE A 260 -21.45 10.54 5.93
CA ILE A 260 -20.04 10.75 6.22
C ILE A 260 -19.85 12.26 6.35
N GLY A 261 -19.33 12.70 7.49
CA GLY A 261 -19.11 14.10 7.73
C GLY A 261 -17.97 14.65 6.90
N GLU A 262 -17.76 15.96 7.04
CA GLU A 262 -16.71 16.66 6.30
C GLU A 262 -15.34 16.13 6.71
N THR A 263 -14.58 15.65 5.72
CA THR A 263 -13.26 15.10 5.97
C THR A 263 -12.47 15.13 4.67
N TYR A 264 -11.13 15.13 4.79
CA TYR A 264 -10.24 15.23 3.64
C TYR A 264 -9.14 14.18 3.73
N GLY A 265 -8.63 13.77 2.57
CA GLY A 265 -7.52 12.86 2.48
C GLY A 265 -6.25 13.51 1.97
N VAL A 266 -5.32 12.67 1.52
CA VAL A 266 -4.04 13.15 1.01
C VAL A 266 -4.20 13.55 -0.44
N PRO A 267 -3.95 14.82 -0.82
CA PRO A 267 -4.17 15.22 -2.22
C PRO A 267 -3.20 14.53 -3.18
N VAL A 268 -3.71 14.17 -4.36
CA VAL A 268 -2.87 13.56 -5.40
C VAL A 268 -1.67 14.45 -5.71
N GLU A 269 -1.88 15.78 -5.74
CA GLU A 269 -0.80 16.71 -6.02
C GLU A 269 0.35 16.57 -5.02
N GLU A 270 0.03 16.32 -3.75
CA GLU A 270 1.09 16.18 -2.76
C GLU A 270 1.78 14.83 -2.88
N ILE A 271 1.02 13.79 -3.21
CA ILE A 271 1.63 12.49 -3.47
C ILE A 271 2.60 12.58 -4.64
N VAL A 272 2.21 13.27 -5.72
CA VAL A 272 3.11 13.44 -6.86
C VAL A 272 4.39 14.17 -6.43
N GLU A 273 4.26 15.16 -5.56
CA GLU A 273 5.45 15.81 -5.02
C GLU A 273 6.31 14.80 -4.24
N GLY A 274 5.67 13.92 -3.47
CA GLY A 274 6.42 12.87 -2.80
C GLY A 274 7.14 11.95 -3.78
N ILE A 275 6.49 11.60 -4.90
CA ILE A 275 7.13 10.74 -5.89
C ILE A 275 8.37 11.41 -6.49
N LYS A 276 8.31 12.73 -6.69
CA LYS A 276 9.50 13.44 -7.15
C LYS A 276 10.64 13.33 -6.17
N HIS A 277 10.36 13.01 -4.91
CA HIS A 277 11.35 12.92 -3.84
C HIS A 277 11.38 11.53 -3.23
N GLY A 278 11.24 10.51 -4.07
CA GLY A 278 11.59 9.15 -3.68
C GLY A 278 10.45 8.26 -3.26
N VAL A 279 9.22 8.74 -3.21
CA VAL A 279 8.09 7.86 -2.90
C VAL A 279 7.84 6.97 -4.11
N ARG A 280 7.93 5.66 -3.93
CA ARG A 280 7.70 4.71 -5.02
C ARG A 280 6.50 3.79 -4.80
N LYS A 281 5.89 3.83 -3.62
CA LYS A 281 4.76 2.97 -3.29
C LYS A 281 3.78 3.80 -2.48
N VAL A 282 2.53 3.85 -2.93
CA VAL A 282 1.49 4.72 -2.37
C VAL A 282 0.32 3.83 -1.99
N ASN A 283 0.07 3.66 -0.69
CA ASN A 283 -0.92 2.69 -0.22
C ASN A 283 -2.33 3.29 -0.29
N ILE A 284 -3.24 2.62 -1.00
CA ILE A 284 -4.60 3.13 -1.21
C ILE A 284 -5.59 1.99 -0.98
N ASP A 285 -6.53 2.19 -0.05
CA ASP A 285 -7.56 1.22 0.33
C ASP A 285 -8.89 1.95 0.47
N THR A 286 -8.91 2.94 1.36
CA THR A 286 -10.14 3.69 1.67
C THR A 286 -10.82 4.25 0.42
N ASP A 287 -10.06 4.77 -0.55
CA ASP A 287 -10.68 5.30 -1.76
C ASP A 287 -11.49 4.24 -2.51
N LEU A 288 -11.00 3.01 -2.56
CA LEU A 288 -11.75 1.94 -3.24
C LEU A 288 -13.00 1.58 -2.45
N ARG A 289 -12.90 1.61 -1.11
CA ARG A 289 -14.07 1.35 -0.27
C ARG A 289 -15.14 2.42 -0.48
N LEU A 290 -14.72 3.69 -0.55
CA LEU A 290 -15.67 4.79 -0.75
C LEU A 290 -16.31 4.71 -2.13
N ALA A 291 -15.50 4.47 -3.16
CA ALA A 291 -16.05 4.34 -4.51
C ALA A 291 -17.04 3.18 -4.58
N SER A 292 -16.70 2.04 -3.97
CA SER A 292 -17.60 0.88 -3.95
C SER A 292 -18.91 1.21 -3.25
N THR A 293 -18.84 1.80 -2.06
CA THR A 293 -20.06 2.03 -1.29
C THR A 293 -20.94 3.08 -1.96
N GLY A 294 -20.35 4.14 -2.51
CA GLY A 294 -21.15 5.09 -3.26
C GLY A 294 -21.84 4.46 -4.46
N ALA A 295 -21.12 3.62 -5.19
CA ALA A 295 -21.71 2.98 -6.37
C ALA A 295 -22.86 2.04 -6.00
N VAL A 296 -22.71 1.24 -4.92
CA VAL A 296 -23.79 0.32 -4.55
CA VAL A 296 -23.77 0.33 -4.51
C VAL A 296 -25.00 1.09 -4.04
N ARG A 297 -24.78 2.11 -3.18
CA ARG A 297 -25.91 2.87 -2.66
C ARG A 297 -26.72 3.49 -3.78
N ARG A 298 -26.03 4.08 -4.76
CA ARG A 298 -26.71 4.73 -5.87
C ARG A 298 -27.47 3.70 -6.72
N TYR A 299 -26.84 2.57 -7.02
CA TYR A 299 -27.52 1.59 -7.87
C TYR A 299 -28.76 1.04 -7.19
N LEU A 300 -28.67 0.69 -5.90
CA LEU A 300 -29.83 0.14 -5.21
C LEU A 300 -30.99 1.12 -5.17
N ALA A 301 -30.68 2.40 -4.98
CA ALA A 301 -31.73 3.42 -4.93
C ALA A 301 -32.39 3.61 -6.28
N GLU A 302 -31.61 3.55 -7.36
CA GLU A 302 -32.12 3.80 -8.70
C GLU A 302 -32.79 2.58 -9.31
N ASN A 303 -32.58 1.39 -8.76
CA ASN A 303 -33.06 0.14 -9.34
C ASN A 303 -33.70 -0.74 -8.27
N PRO A 304 -34.80 -0.29 -7.69
CA PRO A 304 -35.37 -1.02 -6.53
C PRO A 304 -35.80 -2.45 -6.82
N SER A 305 -36.11 -2.79 -8.08
CA SER A 305 -36.54 -4.16 -8.36
C SER A 305 -35.41 -5.09 -8.76
N ASP A 306 -34.19 -4.58 -8.91
CA ASP A 306 -33.07 -5.39 -9.34
C ASP A 306 -32.46 -6.08 -8.12
N PHE A 307 -32.39 -7.41 -8.13
CA PHE A 307 -31.75 -8.11 -7.00
C PHE A 307 -30.57 -8.98 -7.44
N ASP A 308 -30.06 -8.80 -8.65
CA ASP A 308 -28.88 -9.53 -9.10
C ASP A 308 -27.64 -8.85 -8.57
N PRO A 309 -26.89 -9.47 -7.66
CA PRO A 309 -25.68 -8.80 -7.13
C PRO A 309 -24.72 -8.37 -8.22
N ARG A 310 -24.65 -9.09 -9.33
CA ARG A 310 -23.72 -8.70 -10.39
C ARG A 310 -24.04 -7.32 -10.94
N LYS A 311 -25.30 -6.88 -10.88
CA LYS A 311 -25.63 -5.55 -11.37
C LYS A 311 -25.05 -4.47 -10.48
N TYR A 312 -25.34 -4.49 -9.17
CA TYR A 312 -24.79 -3.44 -8.34
C TYR A 312 -23.30 -3.66 -8.01
N LEU A 313 -22.87 -4.91 -7.84
CA LEU A 313 -21.44 -5.15 -7.64
C LEU A 313 -20.64 -4.83 -8.89
N GLY A 314 -21.21 -5.04 -10.07
CA GLY A 314 -20.54 -4.59 -11.29
C GLY A 314 -20.26 -3.09 -11.29
N LYS A 315 -21.18 -2.30 -10.72
CA LYS A 315 -20.92 -0.87 -10.59
C LYS A 315 -19.73 -0.59 -9.67
N THR A 316 -19.49 -1.44 -8.66
CA THR A 316 -18.31 -1.22 -7.82
C THR A 316 -17.03 -1.52 -8.59
N ILE A 317 -17.05 -2.50 -9.49
CA ILE A 317 -15.87 -2.76 -10.31
C ILE A 317 -15.52 -1.51 -11.12
N GLU A 318 -16.53 -0.94 -11.78
CA GLU A 318 -16.25 0.22 -12.61
C GLU A 318 -15.81 1.43 -11.79
N ALA A 319 -16.42 1.64 -10.62
CA ALA A 319 -16.07 2.78 -9.78
C ALA A 319 -14.65 2.63 -9.24
N MET A 320 -14.30 1.43 -8.76
CA MET A 320 -12.95 1.19 -8.28
C MET A 320 -11.95 1.26 -9.41
N LYS A 321 -12.32 0.74 -10.59
CA LYS A 321 -11.41 0.77 -11.72
C LYS A 321 -11.04 2.20 -12.10
N GLN A 322 -12.00 3.12 -11.99
CA GLN A 322 -11.71 4.51 -12.34
CA GLN A 322 -11.71 4.51 -12.34
C GLN A 322 -10.75 5.15 -11.33
N ILE A 323 -10.91 4.85 -10.04
CA ILE A 323 -9.92 5.31 -9.06
C ILE A 323 -8.53 4.80 -9.45
N CYS A 324 -8.43 3.50 -9.74
CA CYS A 324 -7.12 2.92 -10.01
C CYS A 324 -6.50 3.53 -11.27
N LEU A 325 -7.31 3.70 -12.32
CA LEU A 325 -6.84 4.37 -13.53
C LEU A 325 -6.32 5.76 -13.22
N ASP A 326 -7.09 6.54 -12.46
CA ASP A 326 -6.69 7.91 -12.13
C ASP A 326 -5.34 7.91 -11.44
N ARG A 327 -5.13 6.96 -10.53
CA ARG A 327 -3.88 6.95 -9.77
C ARG A 327 -2.72 6.47 -10.62
N TYR A 328 -2.91 5.38 -11.39
CA TYR A 328 -1.83 4.93 -12.27
C TYR A 328 -1.38 6.05 -13.20
N LEU A 329 -2.34 6.77 -13.79
CA LEU A 329 -1.99 7.81 -14.74
C LEU A 329 -1.30 8.98 -14.05
N ALA A 330 -1.84 9.42 -12.92
CA ALA A 330 -1.29 10.59 -12.25
C ALA A 330 0.09 10.32 -11.67
N PHE A 331 0.37 9.06 -11.33
CA PHE A 331 1.63 8.73 -10.70
C PHE A 331 2.72 8.36 -11.70
N GLY A 332 2.40 8.37 -13.00
CA GLY A 332 3.39 8.17 -14.04
C GLY A 332 3.55 6.75 -14.53
N CYS A 333 2.58 5.88 -14.28
CA CYS A 333 2.71 4.45 -14.53
C CYS A 333 2.34 4.01 -15.93
N GLU A 334 1.76 4.88 -16.77
CA GLU A 334 1.29 4.43 -18.07
C GLU A 334 2.43 3.86 -18.90
N GLY A 335 2.21 2.65 -19.43
CA GLY A 335 3.14 2.02 -20.33
C GLY A 335 4.32 1.33 -19.68
N GLN A 336 4.47 1.44 -18.37
CA GLN A 336 5.69 0.95 -17.74
C GLN A 336 5.73 -0.56 -17.67
N ALA A 337 4.57 -1.23 -17.64
CA ALA A 337 4.56 -2.70 -17.60
C ALA A 337 5.27 -3.30 -18.79
N GLY A 338 5.18 -2.67 -19.96
CA GLY A 338 5.80 -3.21 -21.15
C GLY A 338 7.30 -3.07 -21.18
N LYS A 339 7.88 -2.33 -20.23
CA LYS A 339 9.31 -2.12 -20.16
C LYS A 339 9.98 -3.08 -19.19
N ILE A 340 9.22 -3.83 -18.42
CA ILE A 340 9.75 -4.62 -17.33
C ILE A 340 9.95 -6.05 -17.80
N LYS A 341 11.16 -6.55 -17.66
CA LYS A 341 11.44 -7.96 -17.90
C LYS A 341 11.49 -8.66 -16.55
N PRO A 342 10.51 -9.47 -16.19
CA PRO A 342 10.44 -10.02 -14.84
C PRO A 342 11.66 -10.87 -14.49
N VAL A 343 12.15 -10.68 -13.26
CA VAL A 343 13.24 -11.45 -12.68
C VAL A 343 12.63 -12.42 -11.68
N SER A 344 12.97 -13.70 -11.79
CA SER A 344 12.47 -14.69 -10.85
C SER A 344 12.94 -14.39 -9.43
N LEU A 345 12.18 -14.89 -8.44
CA LEU A 345 12.61 -14.69 -7.06
C LEU A 345 13.90 -15.43 -6.76
N GLU A 346 14.12 -16.57 -7.42
CA GLU A 346 15.39 -17.27 -7.28
C GLU A 346 16.56 -16.41 -7.74
N LYS A 347 16.38 -15.69 -8.86
CA LYS A 347 17.43 -14.80 -9.33
C LYS A 347 17.61 -13.60 -8.39
N MET A 348 16.50 -13.06 -7.86
CA MET A 348 16.62 -12.01 -6.86
C MET A 348 17.43 -12.48 -5.66
N ALA A 349 17.16 -13.72 -5.19
CA ALA A 349 17.92 -14.27 -4.06
C ALA A 349 19.41 -14.32 -4.37
N SER A 350 19.76 -14.72 -5.59
CA SER A 350 21.16 -14.76 -6.00
C SER A 350 21.77 -13.35 -5.97
N ARG A 351 21.03 -12.35 -6.45
CA ARG A 351 21.52 -10.98 -6.45
C ARG A 351 21.72 -10.48 -5.02
N TYR A 352 20.80 -10.81 -4.12
CA TYR A 352 20.99 -10.42 -2.72
C TYR A 352 22.25 -11.06 -2.15
N ALA A 353 22.46 -12.34 -2.43
CA ALA A 353 23.61 -13.05 -1.87
C ALA A 353 24.92 -12.45 -2.36
N LYS A 354 24.93 -11.90 -3.57
CA LYS A 354 26.14 -11.29 -4.13
C LYS A 354 26.33 -9.85 -3.68
N GLY A 355 25.43 -9.31 -2.85
CA GLY A 355 25.54 -7.93 -2.41
C GLY A 355 25.13 -6.89 -3.43
N GLU A 356 24.48 -7.29 -4.53
CA GLU A 356 24.17 -6.37 -5.60
C GLU A 356 22.98 -5.46 -5.30
N LEU A 357 22.24 -5.72 -4.23
CA LEU A 357 21.07 -4.92 -3.88
C LEU A 357 21.23 -4.22 -2.54
N ASN A 358 22.45 -4.16 -2.02
CA ASN A 358 22.70 -3.50 -0.73
C ASN A 358 22.54 -1.99 -0.82
#